data_1N2O
#
_entry.id   1N2O
#
_cell.length_a   69.747
_cell.length_b   98.648
_cell.length_c   82.102
_cell.angle_alpha   90.00
_cell.angle_beta   90.00
_cell.angle_gamma   90.00
#
_symmetry.space_group_name_H-M   'P 21 21 21'
#
loop_
_entity.id
_entity.type
_entity.pdbx_description
1 polymer 'pantothenate synthetase'
2 non-polymer 'SULFATE ION'
3 non-polymer BETA-ALANINE
4 water water
#
_entity_poly.entity_id   1
_entity_poly.type   'polypeptide(L)'
_entity_poly.pdbx_seq_one_letter_code
;MAIPAFHPGELNVYSAPGDVADVSRALRLTGRRVMLVPTMGALHEGHLALVRAAKRVPGSVVVVSIFVNPMQFGAGGDLD
AYPRTPDDDLAQLRAEGVEIAFTPTTAAMYPDGLRTTVQPGPLAAELEGGPRPTHFAGVLTVVLKLLQIVRPDRVFFGEK
DYQQLVLIRQLVADFNLDVAVVGVPTVREADGLAMSSRNRYLDPAQRAAAVALSAALTAAAHAATAGAQAALDAARAVLD
AAPGVAVDYLELRDIGLGPMPLNGSGRLLVAARLGTTRLLDNIAIEIGTFAGTDRPDGYR
;
_entity_poly.pdbx_strand_id   A,B
#
loop_
_chem_comp.id
_chem_comp.type
_chem_comp.name
_chem_comp.formula
BAL peptide-like BETA-ALANINE 'C3 H7 N O2'
SO4 non-polymer 'SULFATE ION' 'O4 S -2'
#
# COMPACT_ATOMS: atom_id res chain seq x y z
N PRO A 4 -27.36 4.08 10.04
CA PRO A 4 -27.90 2.81 9.48
C PRO A 4 -26.99 1.61 9.70
N ALA A 5 -27.56 0.57 10.32
CA ALA A 5 -26.84 -0.67 10.59
C ALA A 5 -25.91 -0.55 11.78
N PHE A 6 -26.05 0.54 12.53
CA PHE A 6 -25.22 0.78 13.71
C PHE A 6 -26.04 1.21 14.92
N HIS A 7 -26.01 0.42 15.99
CA HIS A 7 -26.74 0.73 17.23
C HIS A 7 -25.78 1.25 18.27
N PRO A 8 -25.90 2.53 18.63
CA PRO A 8 -24.99 3.11 19.64
C PRO A 8 -24.99 2.39 20.98
N GLY A 9 -23.87 2.48 21.68
CA GLY A 9 -23.78 1.84 22.98
C GLY A 9 -23.76 0.32 23.00
N GLU A 10 -23.86 -0.32 21.84
CA GLU A 10 -23.80 -1.78 21.79
C GLU A 10 -22.66 -2.25 20.88
N LEU A 11 -22.30 -3.53 21.01
CA LEU A 11 -21.28 -4.10 20.15
C LEU A 11 -21.91 -4.45 18.81
N ASN A 12 -21.48 -3.75 17.77
CA ASN A 12 -21.97 -3.99 16.42
C ASN A 12 -20.91 -4.81 15.72
N VAL A 13 -21.30 -5.99 15.25
CA VAL A 13 -20.36 -6.89 14.60
C VAL A 13 -20.56 -6.91 13.10
N TYR A 14 -19.50 -6.62 12.35
CA TYR A 14 -19.59 -6.64 10.89
C TYR A 14 -18.56 -7.60 10.29
N SER A 15 -18.95 -8.34 9.26
CA SER A 15 -18.05 -9.25 8.57
C SER A 15 -17.65 -8.74 7.19
N ALA A 16 -18.57 -8.01 6.55
CA ALA A 16 -18.30 -7.49 5.21
C ALA A 16 -17.50 -6.17 5.27
N PRO A 17 -16.38 -6.07 4.53
CA PRO A 17 -15.55 -4.85 4.52
C PRO A 17 -16.39 -3.62 4.21
N GLY A 18 -17.26 -3.76 3.21
CA GLY A 18 -18.13 -2.68 2.80
C GLY A 18 -19.04 -2.17 3.92
N ASP A 19 -19.48 -3.07 4.80
CA ASP A 19 -20.35 -2.66 5.89
C ASP A 19 -19.62 -1.81 6.93
N VAL A 20 -18.46 -2.28 7.39
CA VAL A 20 -17.76 -1.49 8.39
C VAL A 20 -17.22 -0.19 7.76
N ALA A 21 -16.87 -0.21 6.47
CA ALA A 21 -16.40 1.00 5.80
C ALA A 21 -17.55 2.05 5.76
N ASP A 22 -18.76 1.62 5.42
CA ASP A 22 -19.89 2.56 5.36
C ASP A 22 -20.16 3.13 6.75
N VAL A 23 -20.26 2.25 7.73
CA VAL A 23 -20.53 2.69 9.08
C VAL A 23 -19.46 3.64 9.58
N SER A 24 -18.20 3.30 9.33
CA SER A 24 -17.09 4.15 9.78
C SER A 24 -17.15 5.53 9.11
N ARG A 25 -17.48 5.54 7.83
CA ARG A 25 -17.58 6.79 7.07
C ARG A 25 -18.67 7.67 7.67
N ALA A 26 -19.82 7.05 7.96
CA ALA A 26 -20.97 7.74 8.53
C ALA A 26 -20.67 8.29 9.93
N LEU A 27 -20.00 7.50 10.75
CA LEU A 27 -19.69 7.94 12.11
C LEU A 27 -18.71 9.10 12.09
N ARG A 28 -17.79 9.09 11.13
CA ARG A 28 -16.81 10.16 11.03
C ARG A 28 -17.47 11.47 10.64
N LEU A 29 -18.48 11.38 9.77
CA LEU A 29 -19.19 12.57 9.33
C LEU A 29 -19.82 13.28 10.54
N THR A 30 -20.37 12.51 11.46
CA THR A 30 -20.99 13.09 12.65
C THR A 30 -19.96 13.59 13.65
N GLY A 31 -18.68 13.57 13.27
CA GLY A 31 -17.63 14.05 14.16
C GLY A 31 -17.01 13.08 15.15
N ARG A 32 -17.49 11.84 15.21
CA ARG A 32 -16.89 10.87 16.14
C ARG A 32 -15.61 10.33 15.51
N ARG A 33 -14.48 10.52 16.18
CA ARG A 33 -13.22 10.03 15.65
C ARG A 33 -13.11 8.50 15.79
N VAL A 34 -12.70 7.86 14.70
CA VAL A 34 -12.60 6.42 14.64
C VAL A 34 -11.23 5.90 15.06
N MET A 35 -11.25 5.03 16.06
CA MET A 35 -10.03 4.42 16.58
C MET A 35 -10.02 2.95 16.11
N LEU A 36 -8.87 2.48 15.62
CA LEU A 36 -8.76 1.09 15.16
C LEU A 36 -7.75 0.26 15.99
N VAL A 37 -8.20 -0.88 16.49
CA VAL A 37 -7.32 -1.77 17.28
C VAL A 37 -7.30 -3.10 16.55
N PRO A 38 -6.27 -3.34 15.72
CA PRO A 38 -6.16 -4.59 14.97
C PRO A 38 -5.65 -5.71 15.85
N THR A 39 -6.30 -6.86 15.78
CA THR A 39 -5.86 -7.99 16.61
C THR A 39 -6.07 -9.28 15.83
N MET A 40 -5.54 -10.37 16.37
CA MET A 40 -5.66 -11.67 15.75
C MET A 40 -6.61 -12.50 16.61
N GLY A 41 -7.34 -11.86 17.50
CA GLY A 41 -8.25 -12.60 18.36
C GLY A 41 -7.48 -13.13 19.57
N ALA A 42 -8.09 -14.08 20.29
CA ALA A 42 -7.49 -14.65 21.49
C ALA A 42 -7.07 -13.51 22.39
N LEU A 43 -8.01 -12.60 22.63
CA LEU A 43 -7.73 -11.41 23.42
C LEU A 43 -7.41 -11.70 24.88
N HIS A 44 -6.52 -10.89 25.45
CA HIS A 44 -6.18 -11.00 26.85
C HIS A 44 -6.06 -9.58 27.36
N GLU A 45 -5.66 -9.43 28.62
CA GLU A 45 -5.52 -8.11 29.25
C GLU A 45 -4.68 -7.14 28.44
N GLY A 46 -3.64 -7.65 27.78
CA GLY A 46 -2.79 -6.78 26.97
C GLY A 46 -3.63 -6.06 25.90
N HIS A 47 -4.49 -6.81 25.22
CA HIS A 47 -5.35 -6.19 24.19
C HIS A 47 -6.37 -5.25 24.82
N LEU A 48 -6.81 -5.54 26.03
CA LEU A 48 -7.80 -4.67 26.66
C LEU A 48 -7.18 -3.32 26.96
N ALA A 49 -5.87 -3.29 27.12
CA ALA A 49 -5.16 -2.02 27.37
C ALA A 49 -5.12 -1.16 26.10
N LEU A 50 -5.10 -1.80 24.93
CA LEU A 50 -5.09 -1.06 23.67
C LEU A 50 -6.45 -0.46 23.52
N VAL A 51 -7.45 -1.28 23.80
CA VAL A 51 -8.85 -0.85 23.71
C VAL A 51 -9.12 0.35 24.62
N ARG A 52 -8.62 0.28 25.86
CA ARG A 52 -8.82 1.36 26.83
C ARG A 52 -8.14 2.65 26.42
N ALA A 53 -6.96 2.54 25.82
CA ALA A 53 -6.26 3.72 25.36
C ALA A 53 -7.09 4.32 24.20
N ALA A 54 -7.63 3.48 23.33
CA ALA A 54 -8.44 3.98 22.22
C ALA A 54 -9.73 4.64 22.75
N LYS A 55 -10.35 4.01 23.74
CA LYS A 55 -11.56 4.55 24.35
C LYS A 55 -11.29 5.95 24.94
N ARG A 56 -10.16 6.12 25.62
CA ARG A 56 -9.82 7.41 26.23
C ARG A 56 -9.89 8.62 25.31
N VAL A 57 -9.86 8.40 23.99
CA VAL A 57 -9.91 9.54 23.08
C VAL A 57 -11.31 10.12 23.09
N PRO A 58 -11.43 11.36 23.59
CA PRO A 58 -12.67 12.14 23.74
C PRO A 58 -13.88 11.68 22.92
N GLY A 59 -14.01 12.15 21.70
CA GLY A 59 -15.17 11.75 20.93
C GLY A 59 -14.78 10.63 19.99
N SER A 60 -14.60 9.42 20.53
CA SER A 60 -14.19 8.29 19.70
C SER A 60 -15.13 7.09 19.65
N VAL A 61 -15.09 6.38 18.54
CA VAL A 61 -15.85 5.15 18.40
C VAL A 61 -14.68 4.16 18.16
N VAL A 62 -14.69 3.06 18.90
CA VAL A 62 -13.62 2.09 18.78
C VAL A 62 -13.96 0.90 17.90
N VAL A 63 -13.10 0.66 16.93
CA VAL A 63 -13.25 -0.48 16.02
C VAL A 63 -12.15 -1.47 16.34
N VAL A 64 -12.54 -2.68 16.72
CA VAL A 64 -11.55 -3.72 16.99
C VAL A 64 -11.74 -4.76 15.90
N SER A 65 -10.69 -5.02 15.14
CA SER A 65 -10.81 -6.03 14.10
C SER A 65 -10.19 -7.33 14.59
N ILE A 66 -10.72 -8.45 14.11
CA ILE A 66 -10.16 -9.74 14.46
C ILE A 66 -9.95 -10.46 13.15
N PHE A 67 -8.69 -10.79 12.85
CA PHE A 67 -8.39 -11.47 11.60
C PHE A 67 -6.97 -12.02 11.61
N VAL A 68 -6.82 -13.20 11.03
CA VAL A 68 -5.53 -13.86 10.90
C VAL A 68 -5.34 -14.25 9.43
N ASN A 69 -4.20 -13.89 8.84
CA ASN A 69 -3.93 -14.26 7.44
C ASN A 69 -4.03 -15.77 7.25
N PRO A 70 -4.53 -16.21 6.10
CA PRO A 70 -4.64 -17.65 5.87
C PRO A 70 -3.26 -18.30 5.90
N MET A 71 -3.17 -19.44 6.58
CA MET A 71 -1.89 -20.15 6.73
C MET A 71 -1.28 -20.56 5.40
N GLN A 72 -2.14 -20.92 4.45
CA GLN A 72 -1.64 -21.33 3.16
C GLN A 72 -0.76 -20.25 2.48
N PHE A 73 -0.74 -19.03 3.05
CA PHE A 73 0.08 -17.96 2.49
C PHE A 73 1.57 -18.08 2.86
N GLY A 74 1.87 -18.90 3.85
CA GLY A 74 3.26 -19.07 4.28
C GLY A 74 3.92 -17.88 4.94
N ALA A 75 3.12 -17.00 5.55
CA ALA A 75 3.67 -15.81 6.21
C ALA A 75 3.08 -15.54 7.61
N PRO A 83 -5.76 -21.23 15.92
CA PRO A 83 -6.98 -22.01 15.65
C PRO A 83 -7.99 -21.76 16.76
N ARG A 84 -8.92 -20.83 16.56
CA ARG A 84 -9.92 -20.57 17.59
C ARG A 84 -11.23 -19.96 17.11
N THR A 85 -12.16 -19.86 18.06
CA THR A 85 -13.49 -19.31 17.84
C THR A 85 -13.46 -17.83 18.29
N PRO A 86 -14.20 -16.97 17.57
CA PRO A 86 -14.28 -15.53 17.86
C PRO A 86 -15.20 -15.13 19.04
N ASP A 87 -16.06 -16.06 19.44
CA ASP A 87 -17.05 -15.90 20.50
C ASP A 87 -16.61 -15.36 21.86
N ASP A 88 -15.53 -15.86 22.42
CA ASP A 88 -15.07 -15.33 23.70
C ASP A 88 -14.49 -13.91 23.51
N ASP A 89 -13.83 -13.69 22.37
CA ASP A 89 -13.24 -12.39 22.08
C ASP A 89 -14.34 -11.33 21.97
N LEU A 90 -15.43 -11.66 21.29
CA LEU A 90 -16.53 -10.74 21.14
C LEU A 90 -17.16 -10.46 22.51
N ALA A 91 -17.33 -11.51 23.31
CA ALA A 91 -17.92 -11.37 24.63
C ALA A 91 -17.08 -10.33 25.41
N GLN A 92 -15.75 -10.47 25.31
CA GLN A 92 -14.84 -9.57 25.97
C GLN A 92 -15.03 -8.13 25.48
N LEU A 93 -15.05 -7.96 24.16
CA LEU A 93 -15.19 -6.63 23.60
C LEU A 93 -16.48 -5.99 24.09
N ARG A 94 -17.58 -6.75 24.08
CA ARG A 94 -18.88 -6.28 24.53
C ARG A 94 -18.80 -5.81 26.00
N ALA A 95 -18.17 -6.63 26.82
CA ALA A 95 -18.02 -6.30 28.23
C ALA A 95 -17.13 -5.10 28.44
N GLU A 96 -16.29 -4.78 27.46
CA GLU A 96 -15.39 -3.63 27.56
C GLU A 96 -15.95 -2.34 26.97
N GLY A 97 -17.20 -2.39 26.52
CA GLY A 97 -17.85 -1.22 25.93
C GLY A 97 -17.43 -0.78 24.52
N VAL A 98 -16.96 -1.72 23.70
CA VAL A 98 -16.53 -1.45 22.33
C VAL A 98 -17.77 -1.46 21.45
N GLU A 99 -17.90 -0.51 20.54
CA GLU A 99 -19.10 -0.46 19.69
C GLU A 99 -19.02 -1.20 18.36
N ILE A 100 -17.81 -1.45 17.87
CA ILE A 100 -17.66 -2.10 16.57
C ILE A 100 -16.58 -3.19 16.56
N ALA A 101 -16.95 -4.35 16.01
CA ALA A 101 -16.01 -5.46 15.86
C ALA A 101 -16.06 -5.81 14.37
N PHE A 102 -14.89 -5.91 13.75
CA PHE A 102 -14.81 -6.22 12.33
C PHE A 102 -14.18 -7.62 12.26
N THR A 103 -14.97 -8.57 11.79
CA THR A 103 -14.52 -9.98 11.75
C THR A 103 -14.71 -10.56 10.35
N PRO A 104 -13.88 -10.13 9.40
CA PRO A 104 -14.01 -10.63 8.04
C PRO A 104 -13.51 -12.04 7.81
N THR A 105 -14.02 -12.66 6.76
CA THR A 105 -13.60 -14.00 6.41
C THR A 105 -12.38 -13.84 5.52
N THR A 106 -11.62 -14.92 5.38
CA THR A 106 -10.46 -14.90 4.52
C THR A 106 -10.88 -14.53 3.07
N ALA A 107 -11.99 -15.10 2.62
CA ALA A 107 -12.50 -14.83 1.27
C ALA A 107 -12.81 -13.35 1.05
N ALA A 108 -13.40 -12.69 2.04
CA ALA A 108 -13.73 -11.28 1.90
C ALA A 108 -12.48 -10.40 1.95
N MET A 109 -11.42 -10.85 2.63
CA MET A 109 -10.19 -10.05 2.70
C MET A 109 -9.35 -10.29 1.46
N TYR A 110 -9.44 -11.50 0.93
CA TYR A 110 -8.65 -11.84 -0.24
C TYR A 110 -9.43 -12.51 -1.37
N PRO A 111 -10.41 -11.80 -1.95
CA PRO A 111 -11.21 -12.35 -3.06
C PRO A 111 -10.40 -12.73 -4.29
N ASP A 112 -9.28 -12.04 -4.52
CA ASP A 112 -8.44 -12.38 -5.69
C ASP A 112 -7.18 -13.06 -5.24
N GLY A 113 -7.21 -13.54 -3.99
CA GLY A 113 -6.04 -14.25 -3.44
C GLY A 113 -4.98 -13.25 -3.02
N LEU A 114 -3.76 -13.75 -2.79
CA LEU A 114 -2.64 -12.87 -2.41
C LEU A 114 -1.95 -12.43 -3.72
N ARG A 115 -2.37 -11.29 -4.24
CA ARG A 115 -1.86 -10.80 -5.50
C ARG A 115 -0.97 -9.58 -5.23
N THR A 116 -1.56 -8.40 -5.07
CA THR A 116 -0.75 -7.22 -4.79
C THR A 116 -0.40 -7.24 -3.31
N THR A 117 0.86 -7.04 -2.94
CA THR A 117 1.21 -7.05 -1.52
C THR A 117 2.18 -5.93 -1.15
N VAL A 118 2.37 -5.75 0.15
CA VAL A 118 3.30 -4.74 0.61
C VAL A 118 4.67 -5.39 0.81
N GLN A 119 5.71 -4.74 0.30
CA GLN A 119 7.09 -5.25 0.50
C GLN A 119 7.71 -4.33 1.54
N PRO A 120 7.96 -4.82 2.76
CA PRO A 120 8.57 -3.99 3.83
C PRO A 120 10.01 -3.65 3.49
N GLY A 121 10.57 -2.66 4.18
CA GLY A 121 11.97 -2.33 3.98
C GLY A 121 12.85 -3.40 4.62
N PRO A 122 14.18 -3.25 4.53
CA PRO A 122 15.20 -4.17 5.06
C PRO A 122 15.01 -4.59 6.52
N LEU A 123 14.44 -3.70 7.33
CA LEU A 123 14.26 -4.03 8.73
C LEU A 123 13.44 -5.29 8.93
N ALA A 124 12.59 -5.62 7.96
CA ALA A 124 11.74 -6.80 8.07
C ALA A 124 12.50 -8.12 7.95
N ALA A 125 13.73 -8.08 7.45
CA ALA A 125 14.53 -9.31 7.31
C ALA A 125 15.36 -9.55 8.59
N GLU A 126 15.40 -8.58 9.50
CA GLU A 126 16.17 -8.72 10.75
C GLU A 126 15.33 -9.18 11.94
N LEU A 127 16.01 -9.55 13.02
CA LEU A 127 15.37 -9.97 14.27
C LEU A 127 14.25 -10.99 14.05
N GLU A 128 12.99 -10.60 14.25
CA GLU A 128 11.89 -11.54 14.04
C GLU A 128 11.84 -12.02 12.61
N GLY A 129 12.37 -11.21 11.70
CA GLY A 129 12.36 -11.56 10.29
C GLY A 129 13.35 -12.62 9.86
N GLY A 130 14.33 -12.92 10.70
CA GLY A 130 15.29 -13.95 10.33
C GLY A 130 14.63 -15.30 10.08
N PRO A 131 13.96 -15.90 11.08
CA PRO A 131 13.28 -17.20 10.95
C PRO A 131 12.01 -17.12 10.06
N ARG A 132 11.44 -15.93 9.95
CA ARG A 132 10.22 -15.72 9.16
C ARG A 132 10.32 -14.52 8.23
N PRO A 133 11.02 -14.71 7.10
CA PRO A 133 11.30 -13.76 6.01
C PRO A 133 10.11 -13.00 5.45
N THR A 134 8.96 -13.66 5.42
CA THR A 134 7.76 -13.02 4.88
C THR A 134 6.74 -12.64 5.93
N HIS A 135 7.01 -12.92 7.20
CA HIS A 135 6.04 -12.56 8.25
C HIS A 135 5.56 -11.09 8.19
N PHE A 136 6.48 -10.13 8.17
CA PHE A 136 6.09 -8.72 8.19
C PHE A 136 5.41 -8.26 6.93
N ALA A 137 5.71 -8.87 5.78
CA ALA A 137 5.02 -8.50 4.54
C ALA A 137 3.53 -8.82 4.75
N GLY A 138 3.25 -9.96 5.39
CA GLY A 138 1.88 -10.36 5.65
C GLY A 138 1.21 -9.37 6.60
N VAL A 139 1.93 -8.98 7.66
CA VAL A 139 1.41 -8.02 8.62
C VAL A 139 1.12 -6.63 7.99
N LEU A 140 2.09 -6.07 7.27
CA LEU A 140 1.89 -4.74 6.69
C LEU A 140 0.78 -4.75 5.63
N THR A 141 0.67 -5.87 4.92
CA THR A 141 -0.35 -5.99 3.90
C THR A 141 -1.73 -5.95 4.53
N VAL A 142 -1.91 -6.73 5.60
CA VAL A 142 -3.19 -6.76 6.28
C VAL A 142 -3.50 -5.41 6.96
N VAL A 143 -2.53 -4.84 7.65
CA VAL A 143 -2.73 -3.56 8.31
C VAL A 143 -3.08 -2.46 7.28
N LEU A 144 -2.36 -2.43 6.18
CA LEU A 144 -2.69 -1.44 5.13
C LEU A 144 -4.17 -1.62 4.72
N LYS A 145 -4.57 -2.86 4.46
CA LYS A 145 -5.96 -3.10 4.04
C LYS A 145 -6.96 -2.66 5.11
N LEU A 146 -6.66 -2.96 6.36
CA LEU A 146 -7.57 -2.59 7.45
C LEU A 146 -7.65 -1.04 7.53
N LEU A 147 -6.52 -0.37 7.35
CA LEU A 147 -6.52 1.10 7.42
C LEU A 147 -7.35 1.68 6.29
N GLN A 148 -7.33 1.06 5.12
CA GLN A 148 -8.10 1.58 4.00
C GLN A 148 -9.60 1.31 4.16
N ILE A 149 -9.95 0.18 4.76
CA ILE A 149 -11.33 -0.19 4.97
C ILE A 149 -11.97 0.68 6.05
N VAL A 150 -11.31 0.79 7.20
CA VAL A 150 -11.83 1.54 8.33
C VAL A 150 -11.52 3.04 8.32
N ARG A 151 -10.45 3.45 7.64
CA ARG A 151 -10.03 4.86 7.60
C ARG A 151 -10.07 5.50 9.01
N PRO A 152 -9.34 4.92 9.98
CA PRO A 152 -9.38 5.51 11.32
C PRO A 152 -8.47 6.74 11.46
N ASP A 153 -8.71 7.52 12.51
CA ASP A 153 -7.88 8.68 12.82
C ASP A 153 -6.63 8.17 13.54
N ARG A 154 -6.77 7.11 14.33
CA ARG A 154 -5.62 6.55 15.03
C ARG A 154 -5.70 5.03 15.05
N VAL A 155 -4.54 4.39 15.02
CA VAL A 155 -4.47 2.93 15.07
C VAL A 155 -3.51 2.57 16.23
N PHE A 156 -3.92 1.59 17.02
CA PHE A 156 -3.18 1.18 18.21
C PHE A 156 -2.52 -0.19 18.12
N PHE A 157 -1.26 -0.22 18.51
CA PHE A 157 -0.44 -1.44 18.53
C PHE A 157 0.34 -1.50 19.85
N GLY A 158 0.53 -2.72 20.34
CA GLY A 158 1.26 -2.88 21.58
C GLY A 158 2.75 -2.77 21.36
N GLU A 159 3.46 -2.26 22.35
CA GLU A 159 4.93 -2.18 22.28
C GLU A 159 5.61 -3.57 22.40
N LYS A 160 4.86 -4.57 22.87
CA LYS A 160 5.39 -5.94 23.04
C LYS A 160 6.07 -6.36 21.73
N ASP A 161 5.35 -6.17 20.63
CA ASP A 161 5.85 -6.49 19.31
C ASP A 161 6.44 -5.19 18.78
N TYR A 162 7.58 -4.85 19.36
CA TYR A 162 8.24 -3.61 19.01
C TYR A 162 8.65 -3.46 17.54
N GLN A 163 9.28 -4.50 16.98
CA GLN A 163 9.69 -4.45 15.58
C GLN A 163 8.45 -4.20 14.71
N GLN A 164 7.38 -4.93 14.99
CA GLN A 164 6.13 -4.75 14.26
C GLN A 164 5.68 -3.27 14.29
N LEU A 165 5.66 -2.71 15.50
CA LEU A 165 5.27 -1.31 15.69
C LEU A 165 6.13 -0.39 14.82
N VAL A 166 7.44 -0.60 14.86
CA VAL A 166 8.36 0.21 14.05
C VAL A 166 8.09 0.05 12.55
N LEU A 167 7.81 -1.17 12.10
CA LEU A 167 7.54 -1.40 10.69
C LEU A 167 6.20 -0.78 10.28
N ILE A 168 5.24 -0.74 11.20
CA ILE A 168 3.96 -0.11 10.91
C ILE A 168 4.17 1.41 10.74
N ARG A 169 5.04 1.99 11.56
CA ARG A 169 5.33 3.43 11.44
C ARG A 169 6.02 3.72 10.11
N GLN A 170 6.85 2.78 9.64
CA GLN A 170 7.50 2.99 8.34
C GLN A 170 6.43 2.91 7.23
N LEU A 171 5.48 1.97 7.39
CA LEU A 171 4.42 1.80 6.41
C LEU A 171 3.66 3.13 6.28
N VAL A 172 3.22 3.66 7.41
CA VAL A 172 2.48 4.89 7.42
C VAL A 172 3.25 6.07 6.82
N ALA A 173 4.56 6.15 7.11
CA ALA A 173 5.36 7.23 6.54
C ALA A 173 5.66 6.99 5.07
N ASP A 174 6.08 5.78 4.72
CA ASP A 174 6.45 5.47 3.35
C ASP A 174 5.30 5.54 2.35
N PHE A 175 4.08 5.25 2.78
CA PHE A 175 2.94 5.30 1.87
C PHE A 175 2.08 6.54 2.10
N ASN A 176 2.62 7.50 2.85
CA ASN A 176 1.93 8.75 3.14
C ASN A 176 0.52 8.55 3.70
N LEU A 177 0.39 7.60 4.62
CA LEU A 177 -0.92 7.33 5.20
C LEU A 177 -1.27 8.40 6.25
N ASP A 178 -2.54 8.78 6.24
CA ASP A 178 -3.05 9.83 7.13
C ASP A 178 -3.73 9.22 8.34
N VAL A 179 -2.91 8.72 9.25
CA VAL A 179 -3.39 8.10 10.48
C VAL A 179 -2.25 8.22 11.47
N ALA A 180 -2.58 8.42 12.74
CA ALA A 180 -1.58 8.50 13.80
C ALA A 180 -1.42 7.08 14.33
N VAL A 181 -0.16 6.67 14.55
CA VAL A 181 0.13 5.34 15.08
C VAL A 181 0.48 5.49 16.57
N VAL A 182 -0.28 4.80 17.42
CA VAL A 182 -0.07 4.87 18.86
C VAL A 182 0.47 3.55 19.44
N GLY A 183 1.65 3.61 20.04
CA GLY A 183 2.20 2.40 20.64
C GLY A 183 1.72 2.37 22.09
N VAL A 184 1.22 1.23 22.58
CA VAL A 184 0.74 1.15 23.95
C VAL A 184 1.69 0.29 24.76
N PRO A 185 2.06 0.75 25.96
CA PRO A 185 2.99 0.00 26.81
C PRO A 185 2.55 -1.44 27.06
N THR A 186 3.54 -2.32 27.19
CA THR A 186 3.26 -3.73 27.41
C THR A 186 2.62 -3.98 28.79
N VAL A 187 1.68 -4.91 28.87
CA VAL A 187 1.09 -5.25 30.16
C VAL A 187 1.85 -6.52 30.63
N ARG A 188 2.17 -6.60 31.91
CA ARG A 188 2.90 -7.75 32.44
C ARG A 188 2.21 -8.49 33.58
N GLU A 189 2.52 -9.78 33.72
CA GLU A 189 2.00 -10.60 34.80
C GLU A 189 2.67 -10.06 36.07
N ALA A 190 2.22 -10.51 37.24
CA ALA A 190 2.76 -10.06 38.53
C ALA A 190 4.28 -10.15 38.64
N ASP A 191 4.86 -11.19 38.06
CA ASP A 191 6.32 -11.33 38.15
C ASP A 191 7.10 -10.61 37.04
N GLY A 192 6.42 -9.93 36.13
CA GLY A 192 7.12 -9.26 35.05
C GLY A 192 6.94 -9.91 33.67
N LEU A 193 6.45 -11.15 33.62
CA LEU A 193 6.28 -11.82 32.33
C LEU A 193 5.35 -11.01 31.43
N ALA A 194 5.82 -10.72 30.22
CA ALA A 194 4.97 -9.96 29.30
C ALA A 194 3.76 -10.82 28.94
N MET A 195 2.58 -10.24 29.02
CA MET A 195 1.37 -10.97 28.68
C MET A 195 1.31 -11.34 27.20
N SER A 196 0.91 -12.57 26.94
CA SER A 196 0.84 -13.07 25.58
C SER A 196 -0.01 -14.34 25.58
N SER A 197 -0.75 -14.54 24.51
CA SER A 197 -1.58 -15.73 24.40
C SER A 197 -0.68 -16.97 24.36
N ARG A 198 0.59 -16.79 24.06
CA ARG A 198 1.53 -17.91 24.01
C ARG A 198 1.93 -18.45 25.39
N ASN A 199 1.76 -17.63 26.42
CA ASN A 199 2.15 -18.05 27.76
C ASN A 199 1.40 -19.27 28.26
N ARG A 200 0.17 -19.46 27.76
CA ARG A 200 -0.64 -20.60 28.16
C ARG A 200 -0.01 -21.94 27.71
N TYR A 201 0.90 -21.88 26.73
CA TYR A 201 1.55 -23.07 26.22
C TYR A 201 2.78 -23.48 27.03
N LEU A 202 3.14 -22.68 28.04
CA LEU A 202 4.30 -23.01 28.87
C LEU A 202 3.89 -23.98 29.97
N ASP A 203 4.61 -25.08 30.12
CA ASP A 203 4.27 -25.99 31.19
C ASP A 203 4.75 -25.31 32.47
N PRO A 204 4.44 -25.89 33.65
CA PRO A 204 4.85 -25.26 34.90
C PRO A 204 6.32 -24.84 35.03
N ALA A 205 7.26 -25.72 34.70
CA ALA A 205 8.69 -25.36 34.81
C ALA A 205 9.02 -24.23 33.85
N GLN A 206 8.49 -24.29 32.63
CA GLN A 206 8.75 -23.26 31.64
C GLN A 206 8.22 -21.89 32.07
N ARG A 207 7.04 -21.89 32.67
CA ARG A 207 6.41 -20.64 33.12
C ARG A 207 7.32 -19.99 34.17
N ALA A 208 7.82 -20.81 35.08
CA ALA A 208 8.71 -20.30 36.12
C ALA A 208 10.01 -19.76 35.50
N ALA A 209 10.58 -20.50 34.56
CA ALA A 209 11.82 -20.08 33.92
C ALA A 209 11.62 -18.81 33.06
N ALA A 210 10.45 -18.71 32.44
CA ALA A 210 10.13 -17.57 31.57
C ALA A 210 10.32 -16.19 32.19
N VAL A 211 10.31 -16.12 33.54
CA VAL A 211 10.51 -14.85 34.23
C VAL A 211 11.89 -14.24 33.86
N ALA A 212 12.81 -15.08 33.41
CA ALA A 212 14.15 -14.60 33.04
C ALA A 212 14.18 -13.50 31.98
N LEU A 213 13.25 -13.55 31.00
CA LEU A 213 13.23 -12.53 29.95
C LEU A 213 13.06 -11.11 30.50
N SER A 214 12.02 -10.88 31.28
CA SER A 214 11.80 -9.55 31.82
C SER A 214 12.85 -9.19 32.87
N ALA A 215 13.29 -10.17 33.67
CA ALA A 215 14.31 -9.89 34.68
C ALA A 215 15.60 -9.46 34.00
N ALA A 216 15.94 -10.14 32.91
CA ALA A 216 17.16 -9.81 32.17
C ALA A 216 17.10 -8.38 31.61
N LEU A 217 15.93 -8.01 31.05
CA LEU A 217 15.76 -6.68 30.47
C LEU A 217 15.81 -5.56 31.52
N THR A 218 15.14 -5.80 32.64
CA THR A 218 15.08 -4.79 33.67
C THR A 218 16.47 -4.62 34.29
N ALA A 219 17.16 -5.74 34.47
CA ALA A 219 18.51 -5.70 35.03
C ALA A 219 19.37 -4.85 34.07
N ALA A 220 19.22 -5.07 32.75
CA ALA A 220 20.00 -4.33 31.76
C ALA A 220 19.69 -2.85 31.80
N ALA A 221 18.42 -2.51 31.90
CA ALA A 221 18.03 -1.11 31.91
C ALA A 221 18.73 -0.37 33.07
N HIS A 222 18.91 -1.06 34.19
CA HIS A 222 19.56 -0.40 35.32
C HIS A 222 21.07 -0.53 35.31
N ALA A 223 21.59 -1.51 34.58
CA ALA A 223 23.02 -1.68 34.51
C ALA A 223 23.55 -0.59 33.56
N ALA A 224 22.68 -0.11 32.68
CA ALA A 224 23.03 0.86 31.66
C ALA A 224 23.89 2.08 32.06
N THR A 225 23.92 2.44 33.35
CA THR A 225 24.76 3.56 33.76
C THR A 225 26.24 3.21 33.47
N ALA A 226 26.56 1.92 33.43
CA ALA A 226 27.91 1.48 33.15
C ALA A 226 28.17 1.26 31.65
N GLY A 227 27.24 1.71 30.79
CA GLY A 227 27.43 1.56 29.36
C GLY A 227 26.63 0.43 28.76
N ALA A 228 26.52 0.43 27.45
CA ALA A 228 25.75 -0.55 26.72
C ALA A 228 26.26 -1.97 26.85
N GLN A 229 27.57 -2.16 26.77
CA GLN A 229 28.08 -3.51 26.85
C GLN A 229 27.83 -4.10 28.24
N ALA A 230 27.92 -3.28 29.27
CA ALA A 230 27.67 -3.76 30.61
C ALA A 230 26.17 -4.17 30.72
N ALA A 231 25.29 -3.38 30.09
CA ALA A 231 23.85 -3.65 30.13
C ALA A 231 23.53 -4.95 29.42
N LEU A 232 24.16 -5.16 28.26
CA LEU A 232 23.92 -6.37 27.50
C LEU A 232 24.48 -7.55 28.28
N ASP A 233 25.65 -7.37 28.88
CA ASP A 233 26.25 -8.47 29.63
C ASP A 233 25.37 -8.90 30.82
N ALA A 234 24.76 -7.93 31.51
CA ALA A 234 23.90 -8.25 32.65
C ALA A 234 22.70 -9.06 32.19
N ALA A 235 22.09 -8.64 31.08
CA ALA A 235 20.93 -9.35 30.53
C ALA A 235 21.31 -10.75 30.15
N ARG A 236 22.43 -10.87 29.43
CA ARG A 236 22.87 -12.18 29.00
C ARG A 236 23.16 -13.13 30.17
N ALA A 237 23.75 -12.60 31.23
CA ALA A 237 24.06 -13.42 32.40
C ALA A 237 22.76 -13.95 33.04
N VAL A 238 21.74 -13.10 33.12
CA VAL A 238 20.48 -13.54 33.70
C VAL A 238 19.86 -14.64 32.84
N LEU A 239 19.90 -14.47 31.53
CA LEU A 239 19.32 -15.46 30.63
C LEU A 239 20.13 -16.75 30.68
N ASP A 240 21.45 -16.62 30.77
CA ASP A 240 22.31 -17.79 30.87
C ASP A 240 22.07 -18.57 32.17
N ALA A 241 21.55 -17.91 33.20
CA ALA A 241 21.27 -18.56 34.48
C ALA A 241 19.88 -19.23 34.49
N ALA A 242 19.11 -18.98 33.43
CA ALA A 242 17.75 -19.51 33.32
C ALA A 242 17.64 -20.87 32.68
N PRO A 243 17.14 -21.86 33.44
CA PRO A 243 16.95 -23.25 33.03
C PRO A 243 16.07 -23.41 31.79
N GLY A 244 16.60 -24.10 30.79
CA GLY A 244 15.81 -24.35 29.60
C GLY A 244 15.39 -23.17 28.74
N VAL A 245 16.07 -22.03 28.86
CA VAL A 245 15.71 -20.91 28.01
C VAL A 245 16.77 -20.84 26.91
N ALA A 246 16.36 -21.05 25.68
CA ALA A 246 17.30 -20.99 24.56
C ALA A 246 17.05 -19.66 23.84
N VAL A 247 18.02 -18.77 23.91
CA VAL A 247 17.95 -17.42 23.34
C VAL A 247 18.21 -17.33 21.84
N ASP A 248 17.25 -16.78 21.09
CA ASP A 248 17.40 -16.59 19.65
C ASP A 248 18.19 -15.32 19.41
N TYR A 249 17.87 -14.26 20.14
CA TYR A 249 18.63 -13.03 20.00
C TYR A 249 18.41 -12.14 21.21
N LEU A 250 19.32 -11.20 21.39
CA LEU A 250 19.28 -10.25 22.51
C LEU A 250 20.02 -9.09 21.89
N GLU A 251 19.29 -8.03 21.59
CA GLU A 251 19.89 -6.89 20.91
C GLU A 251 19.53 -5.54 21.45
N LEU A 252 20.53 -4.67 21.50
CA LEU A 252 20.35 -3.30 21.95
C LEU A 252 20.43 -2.47 20.69
N ARG A 253 19.39 -1.70 20.44
CA ARG A 253 19.36 -0.87 19.25
C ARG A 253 18.79 0.46 19.58
N ASP A 254 18.69 1.26 18.54
CA ASP A 254 18.14 2.59 18.58
C ASP A 254 16.62 2.43 18.69
N ILE A 255 15.92 3.49 19.06
CA ILE A 255 14.48 3.32 19.20
C ILE A 255 13.76 3.11 17.87
N GLY A 256 14.44 3.43 16.78
CA GLY A 256 13.86 3.24 15.47
C GLY A 256 14.43 1.93 14.97
N LEU A 257 15.16 1.27 15.86
CA LEU A 257 15.80 -0.02 15.58
C LEU A 257 17.02 0.06 14.69
N GLY A 258 17.63 1.25 14.65
CA GLY A 258 18.86 1.45 13.93
C GLY A 258 19.93 1.28 15.00
N PRO A 259 21.22 1.51 14.69
CA PRO A 259 22.34 1.37 15.63
C PRO A 259 22.16 2.19 16.91
N MET A 260 22.58 1.64 18.04
CA MET A 260 22.48 2.34 19.31
C MET A 260 23.67 3.30 19.43
N PRO A 261 23.42 4.62 19.57
CA PRO A 261 24.50 5.60 19.69
C PRO A 261 25.25 5.59 21.03
N LEU A 262 26.29 6.42 21.14
CA LEU A 262 27.09 6.50 22.36
C LEU A 262 26.17 6.52 23.57
N ASN A 263 25.35 7.55 23.66
CA ASN A 263 24.39 7.63 24.74
C ASN A 263 23.02 7.81 24.07
N GLY A 264 21.99 8.10 24.86
CA GLY A 264 20.68 8.31 24.27
C GLY A 264 19.73 7.14 24.39
N SER A 265 18.48 7.37 24.02
CA SER A 265 17.45 6.36 24.10
C SER A 265 17.62 5.17 23.18
N GLY A 266 17.10 4.03 23.60
CA GLY A 266 17.23 2.84 22.76
C GLY A 266 16.25 1.78 23.19
N ARG A 267 16.44 0.59 22.63
CA ARG A 267 15.54 -0.49 22.97
C ARG A 267 16.34 -1.78 22.99
N LEU A 268 16.10 -2.60 24.02
CA LEU A 268 16.77 -3.88 24.13
C LEU A 268 15.70 -4.90 23.87
N LEU A 269 15.94 -5.77 22.89
CA LEU A 269 14.99 -6.79 22.53
C LEU A 269 15.55 -8.19 22.70
N VAL A 270 14.67 -9.11 23.12
CA VAL A 270 15.06 -10.48 23.32
C VAL A 270 13.95 -11.38 22.81
N ALA A 271 14.37 -12.55 22.31
CA ALA A 271 13.45 -13.58 21.83
C ALA A 271 14.12 -14.87 22.28
N ALA A 272 13.31 -15.77 22.82
CA ALA A 272 13.81 -17.01 23.34
C ALA A 272 12.82 -18.14 23.14
N ARG A 273 13.32 -19.36 23.27
CA ARG A 273 12.53 -20.57 23.14
C ARG A 273 12.53 -21.42 24.40
N LEU A 274 11.35 -21.79 24.86
CA LEU A 274 11.22 -22.66 26.02
C LEU A 274 10.41 -23.81 25.46
N GLY A 275 11.12 -24.89 25.12
CA GLY A 275 10.45 -26.01 24.52
C GLY A 275 10.26 -25.52 23.10
N THR A 276 9.03 -25.56 22.59
CA THR A 276 8.77 -25.08 21.25
C THR A 276 7.94 -23.78 21.28
N THR A 277 7.82 -23.17 22.46
CA THR A 277 7.09 -21.91 22.62
C THR A 277 8.10 -20.75 22.57
N ARG A 278 7.92 -19.87 21.59
CA ARG A 278 8.80 -18.73 21.43
C ARG A 278 8.21 -17.51 22.15
N LEU A 279 9.01 -16.86 23.00
CA LEU A 279 8.59 -15.66 23.73
C LEU A 279 9.43 -14.45 23.33
N LEU A 280 8.83 -13.27 23.37
CA LEU A 280 9.49 -12.02 23.04
C LEU A 280 9.26 -11.01 24.16
N ASP A 281 10.15 -10.03 24.25
CA ASP A 281 10.01 -8.97 25.23
C ASP A 281 11.01 -7.93 24.81
N ASN A 282 10.84 -6.71 25.28
CA ASN A 282 11.76 -5.62 24.94
C ASN A 282 11.55 -4.53 25.97
N ILE A 283 12.50 -3.60 26.08
CA ILE A 283 12.35 -2.56 27.07
C ILE A 283 13.11 -1.32 26.63
N ALA A 284 12.64 -0.16 27.07
CA ALA A 284 13.34 1.08 26.76
C ALA A 284 14.65 1.04 27.55
N ILE A 285 15.72 1.50 26.91
CA ILE A 285 17.05 1.56 27.50
C ILE A 285 17.59 2.99 27.33
N GLU A 286 18.15 3.55 28.41
CA GLU A 286 18.74 4.89 28.36
C GLU A 286 20.22 4.69 28.69
N ILE A 287 21.09 4.78 27.69
CA ILE A 287 22.52 4.58 27.87
C ILE A 287 23.24 5.82 28.44
N GLY A 288 24.11 5.57 29.41
CA GLY A 288 24.85 6.66 30.05
C GLY A 288 23.85 7.56 30.75
N THR A 289 22.78 6.94 31.23
CA THR A 289 21.69 7.63 31.92
C THR A 289 20.90 6.55 32.69
N MET B 1 -14.91 30.98 4.89
CA MET B 1 -13.64 30.26 5.19
C MET B 1 -12.79 29.96 3.94
N ALA B 2 -11.71 30.71 3.76
CA ALA B 2 -10.81 30.49 2.65
C ALA B 2 -9.98 29.24 2.96
N ILE B 3 -9.43 28.61 1.93
CA ILE B 3 -8.60 27.42 2.13
C ILE B 3 -7.13 27.82 2.09
N PRO B 4 -6.41 27.59 3.20
CA PRO B 4 -4.98 27.92 3.30
C PRO B 4 -4.19 27.52 2.06
N ALA B 5 -3.56 28.51 1.42
CA ALA B 5 -2.73 28.29 0.25
C ALA B 5 -3.41 27.92 -1.08
N PHE B 6 -4.74 27.98 -1.14
CA PHE B 6 -5.45 27.63 -2.38
C PHE B 6 -6.27 28.76 -3.01
N HIS B 7 -6.05 29.02 -4.29
CA HIS B 7 -6.77 30.10 -4.97
C HIS B 7 -7.72 29.56 -6.03
N PRO B 8 -9.04 29.55 -5.74
CA PRO B 8 -10.01 29.05 -6.73
C PRO B 8 -9.77 29.66 -8.09
N GLY B 9 -10.07 28.90 -9.13
CA GLY B 9 -9.92 29.40 -10.49
C GLY B 9 -8.53 29.57 -11.09
N GLU B 10 -7.46 29.33 -10.34
CA GLU B 10 -6.13 29.50 -10.91
C GLU B 10 -5.29 28.26 -10.73
N LEU B 11 -4.20 28.16 -11.48
CA LEU B 11 -3.31 27.02 -11.36
C LEU B 11 -2.44 27.18 -10.12
N ASN B 12 -2.73 26.39 -9.10
CA ASN B 12 -1.99 26.40 -7.85
C ASN B 12 -0.95 25.28 -7.93
N VAL B 13 0.32 25.63 -7.75
CA VAL B 13 1.39 24.65 -7.84
C VAL B 13 1.93 24.34 -6.44
N TYR B 14 1.98 23.06 -6.09
CA TYR B 14 2.52 22.66 -4.78
C TYR B 14 3.63 21.63 -4.96
N SER B 15 4.67 21.74 -4.13
CA SER B 15 5.78 20.80 -4.18
C SER B 15 5.82 19.90 -2.95
N ALA B 16 5.32 20.41 -1.83
CA ALA B 16 5.32 19.63 -0.60
C ALA B 16 4.09 18.75 -0.51
N PRO B 17 4.28 17.45 -0.23
CA PRO B 17 3.15 16.51 -0.11
C PRO B 17 2.11 17.02 0.88
N GLY B 18 2.60 17.54 2.00
CA GLY B 18 1.72 18.04 3.04
C GLY B 18 0.84 19.18 2.59
N ASP B 19 1.35 20.02 1.69
CA ASP B 19 0.57 21.14 1.19
C ASP B 19 -0.58 20.68 0.31
N VAL B 20 -0.30 19.80 -0.66
CA VAL B 20 -1.40 19.37 -1.53
C VAL B 20 -2.38 18.49 -0.74
N ALA B 21 -1.88 17.76 0.25
CA ALA B 21 -2.77 16.93 1.06
C ALA B 21 -3.73 17.83 1.86
N ASP B 22 -3.21 18.91 2.45
CA ASP B 22 -4.07 19.82 3.22
C ASP B 22 -5.10 20.46 2.32
N VAL B 23 -4.65 21.02 1.20
CA VAL B 23 -5.56 21.67 0.27
C VAL B 23 -6.61 20.69 -0.23
N SER B 24 -6.19 19.47 -0.57
CA SER B 24 -7.15 18.48 -1.07
C SER B 24 -8.19 18.10 -0.01
N ARG B 25 -7.74 17.93 1.23
CA ARG B 25 -8.63 17.57 2.34
C ARG B 25 -9.66 18.68 2.63
N ALA B 26 -9.21 19.93 2.63
CA ALA B 26 -10.12 21.07 2.86
C ALA B 26 -11.17 21.13 1.75
N LEU B 27 -10.72 20.91 0.51
CA LEU B 27 -11.61 20.94 -0.64
C LEU B 27 -12.63 19.79 -0.60
N ARG B 28 -12.19 18.61 -0.16
CA ARG B 28 -13.08 17.46 -0.06
C ARG B 28 -14.14 17.79 1.01
N LEU B 29 -13.69 18.34 2.14
CA LEU B 29 -14.60 18.72 3.22
C LEU B 29 -15.71 19.71 2.83
N THR B 30 -15.45 20.58 1.83
CA THR B 30 -16.47 21.54 1.40
C THR B 30 -17.39 20.90 0.38
N GLY B 31 -17.14 19.63 0.07
CA GLY B 31 -17.97 18.93 -0.87
C GLY B 31 -17.49 18.84 -2.31
N ARG B 32 -16.30 19.31 -2.62
CA ARG B 32 -15.80 19.20 -4.01
C ARG B 32 -15.28 17.77 -4.22
N ARG B 33 -15.30 17.28 -5.44
CA ARG B 33 -14.79 15.94 -5.69
C ARG B 33 -13.40 16.11 -6.32
N VAL B 34 -12.39 15.52 -5.70
CA VAL B 34 -11.02 15.62 -6.19
C VAL B 34 -10.67 14.57 -7.23
N MET B 35 -10.22 15.03 -8.39
CA MET B 35 -9.85 14.16 -9.49
C MET B 35 -8.30 14.19 -9.56
N LEU B 36 -7.67 13.03 -9.74
CA LEU B 36 -6.22 12.97 -9.83
C LEU B 36 -5.75 12.42 -11.18
N VAL B 37 -4.86 13.17 -11.83
CA VAL B 37 -4.30 12.74 -13.11
C VAL B 37 -2.80 12.63 -12.93
N PRO B 38 -2.30 11.41 -12.69
CA PRO B 38 -0.86 11.25 -12.51
C PRO B 38 -0.10 11.24 -13.83
N THR B 39 0.95 12.05 -13.94
CA THR B 39 1.76 12.10 -15.17
C THR B 39 3.23 12.21 -14.77
N MET B 40 4.10 12.14 -15.76
CA MET B 40 5.50 12.32 -15.49
C MET B 40 6.02 13.53 -16.28
N GLY B 41 5.12 14.49 -16.54
CA GLY B 41 5.51 15.70 -17.26
C GLY B 41 5.63 15.55 -18.76
N ALA B 42 6.27 16.52 -19.41
CA ALA B 42 6.41 16.46 -20.86
C ALA B 42 5.05 16.14 -21.42
N LEU B 43 4.07 16.97 -21.09
CA LEU B 43 2.69 16.73 -21.52
C LEU B 43 2.38 16.97 -22.99
N HIS B 44 1.51 16.10 -23.53
CA HIS B 44 1.05 16.21 -24.89
C HIS B 44 -0.46 16.02 -24.89
N GLU B 45 -1.08 16.11 -26.06
CA GLU B 45 -2.52 15.95 -26.20
C GLU B 45 -3.10 14.75 -25.49
N GLY B 46 -2.33 13.67 -25.40
CA GLY B 46 -2.80 12.47 -24.73
C GLY B 46 -3.17 12.81 -23.30
N HIS B 47 -2.25 13.45 -22.60
CA HIS B 47 -2.44 13.88 -21.23
C HIS B 47 -3.60 14.86 -21.07
N LEU B 48 -3.74 15.76 -22.05
CA LEU B 48 -4.81 16.75 -21.99
C LEU B 48 -6.17 16.08 -22.06
N ALA B 49 -6.25 14.93 -22.73
CA ALA B 49 -7.53 14.24 -22.77
C ALA B 49 -7.83 13.73 -21.37
N LEU B 50 -6.80 13.32 -20.64
CA LEU B 50 -7.02 12.80 -19.29
C LEU B 50 -7.50 13.96 -18.43
N VAL B 51 -6.87 15.11 -18.59
CA VAL B 51 -7.24 16.31 -17.85
C VAL B 51 -8.70 16.69 -18.10
N ARG B 52 -9.11 16.66 -19.36
CA ARG B 52 -10.48 17.01 -19.73
C ARG B 52 -11.51 16.00 -19.25
N ALA B 53 -11.13 14.72 -19.25
CA ALA B 53 -12.00 13.69 -18.72
C ALA B 53 -12.19 14.02 -17.24
N ALA B 54 -11.12 14.38 -16.53
CA ALA B 54 -11.24 14.68 -15.11
C ALA B 54 -12.08 15.96 -14.85
N LYS B 55 -11.81 16.99 -15.63
CA LYS B 55 -12.46 18.28 -15.49
C LYS B 55 -13.96 18.19 -15.70
N ARG B 56 -14.40 17.35 -16.62
CA ARG B 56 -15.83 17.29 -16.87
C ARG B 56 -16.67 16.59 -15.80
N VAL B 57 -16.05 16.08 -14.73
CA VAL B 57 -16.83 15.47 -13.66
C VAL B 57 -17.33 16.66 -12.82
N PRO B 58 -18.67 16.79 -12.70
CA PRO B 58 -19.31 17.87 -11.95
C PRO B 58 -18.78 18.16 -10.56
N GLY B 59 -18.57 19.45 -10.28
CA GLY B 59 -18.09 19.88 -8.98
C GLY B 59 -16.71 19.39 -8.62
N SER B 60 -15.92 19.11 -9.65
CA SER B 60 -14.59 18.59 -9.42
C SER B 60 -13.46 19.62 -9.38
N VAL B 61 -12.38 19.27 -8.70
CA VAL B 61 -11.20 20.09 -8.70
C VAL B 61 -10.18 19.06 -9.24
N VAL B 62 -9.42 19.46 -10.27
CA VAL B 62 -8.47 18.56 -10.88
C VAL B 62 -7.05 18.75 -10.38
N VAL B 63 -6.46 17.63 -9.94
CA VAL B 63 -5.08 17.62 -9.46
C VAL B 63 -4.28 16.84 -10.48
N VAL B 64 -3.26 17.49 -11.04
CA VAL B 64 -2.39 16.83 -11.99
C VAL B 64 -1.02 16.77 -11.33
N SER B 65 -0.49 15.56 -11.12
CA SER B 65 0.84 15.46 -10.54
C SER B 65 1.84 15.29 -11.69
N ILE B 66 3.02 15.87 -11.50
CA ILE B 66 4.11 15.74 -12.47
C ILE B 66 5.25 15.24 -11.61
N PHE B 67 5.70 14.03 -11.87
CA PHE B 67 6.77 13.45 -11.07
C PHE B 67 7.46 12.38 -11.84
N VAL B 68 8.71 12.60 -12.24
CA VAL B 68 9.37 11.53 -12.98
C VAL B 68 9.90 10.59 -11.92
N ASN B 69 9.16 9.49 -11.78
CA ASN B 69 9.41 8.46 -10.81
C ASN B 69 10.61 7.58 -11.16
N PRO B 70 11.72 7.75 -10.41
CA PRO B 70 12.95 6.98 -10.62
C PRO B 70 12.74 5.46 -10.53
N MET B 71 11.87 5.04 -9.61
CA MET B 71 11.60 3.63 -9.36
C MET B 71 11.02 2.81 -10.53
N GLN B 72 10.38 3.48 -11.50
CA GLN B 72 9.80 2.74 -12.62
C GLN B 72 10.66 2.76 -13.91
N PHE B 73 11.94 3.13 -13.78
CA PHE B 73 12.88 3.16 -14.89
C PHE B 73 14.02 2.19 -14.61
N PRO B 83 12.61 13.79 -21.12
CA PRO B 83 11.56 14.81 -21.31
C PRO B 83 11.32 15.64 -20.05
N ARG B 84 11.51 16.96 -20.17
CA ARG B 84 11.33 17.84 -19.01
C ARG B 84 11.09 19.31 -19.38
N THR B 85 9.82 19.68 -19.49
CA THR B 85 9.44 21.05 -19.82
C THR B 85 8.43 21.55 -18.79
N PRO B 86 8.90 21.82 -17.57
CA PRO B 86 8.06 22.30 -16.47
C PRO B 86 7.10 23.44 -16.86
N ASP B 87 7.66 24.50 -17.41
CA ASP B 87 6.87 25.66 -17.82
C ASP B 87 5.90 25.36 -18.95
N ASP B 88 6.36 24.61 -19.93
CA ASP B 88 5.49 24.24 -21.03
C ASP B 88 4.36 23.42 -20.43
N ASP B 89 4.72 22.50 -19.53
CA ASP B 89 3.73 21.65 -18.87
C ASP B 89 2.71 22.49 -18.13
N LEU B 90 3.18 23.27 -17.15
CA LEU B 90 2.32 24.12 -16.34
C LEU B 90 1.49 25.06 -17.23
N ALA B 91 2.13 25.64 -18.23
CA ALA B 91 1.44 26.54 -19.14
C ALA B 91 0.26 25.81 -19.80
N GLN B 92 0.49 24.57 -20.21
CA GLN B 92 -0.58 23.78 -20.85
C GLN B 92 -1.71 23.48 -19.87
N LEU B 93 -1.34 23.24 -18.61
CA LEU B 93 -2.33 22.95 -17.57
C LEU B 93 -3.13 24.22 -17.30
N ARG B 94 -2.44 25.37 -17.30
CA ARG B 94 -3.13 26.64 -17.07
C ARG B 94 -4.21 26.81 -18.12
N ALA B 95 -3.85 26.56 -19.36
CA ALA B 95 -4.78 26.68 -20.47
C ALA B 95 -5.99 25.76 -20.35
N GLU B 96 -5.82 24.63 -19.66
CA GLU B 96 -6.91 23.66 -19.48
C GLU B 96 -7.80 23.97 -18.28
N GLY B 97 -7.41 24.97 -17.51
CA GLY B 97 -8.25 25.33 -16.38
C GLY B 97 -8.00 24.43 -15.19
N VAL B 98 -6.83 23.79 -15.18
CA VAL B 98 -6.49 22.91 -14.07
C VAL B 98 -6.18 23.81 -12.87
N GLU B 99 -6.71 23.46 -11.68
CA GLU B 99 -6.44 24.29 -10.51
C GLU B 99 -5.29 23.86 -9.62
N ILE B 100 -4.86 22.61 -9.75
CA ILE B 100 -3.78 22.12 -8.90
C ILE B 100 -2.74 21.27 -9.62
N ALA B 101 -1.47 21.61 -9.43
CA ALA B 101 -0.37 20.84 -10.01
C ALA B 101 0.48 20.45 -8.84
N PHE B 102 0.79 19.16 -8.73
CA PHE B 102 1.62 18.65 -7.64
C PHE B 102 2.93 18.24 -8.28
N THR B 103 4.01 18.92 -7.89
CA THR B 103 5.33 18.69 -8.49
C THR B 103 6.38 18.44 -7.41
N PRO B 104 6.33 17.28 -6.74
CA PRO B 104 7.30 17.02 -5.68
C PRO B 104 8.70 16.64 -6.15
N THR B 105 9.70 16.78 -5.29
CA THR B 105 11.03 16.35 -5.68
C THR B 105 11.19 14.88 -5.30
N THR B 106 12.19 14.22 -5.89
CA THR B 106 12.42 12.82 -5.55
C THR B 106 12.67 12.69 -4.06
N ALA B 107 13.30 13.70 -3.48
CA ALA B 107 13.62 13.70 -2.05
C ALA B 107 12.38 13.73 -1.17
N ALA B 108 11.37 14.48 -1.61
CA ALA B 108 10.14 14.59 -0.83
C ALA B 108 9.24 13.34 -0.96
N MET B 109 9.45 12.55 -2.00
CA MET B 109 8.66 11.36 -2.24
C MET B 109 9.32 10.12 -1.64
N TYR B 110 10.65 10.03 -1.74
CA TYR B 110 11.36 8.89 -1.18
C TYR B 110 12.42 9.37 -0.19
N PRO B 111 11.98 10.04 0.87
CA PRO B 111 12.96 10.52 1.83
C PRO B 111 13.84 9.45 2.46
N ASP B 112 13.43 8.19 2.35
CA ASP B 112 14.20 7.11 2.95
C ASP B 112 14.57 6.08 1.90
N GLY B 113 14.60 6.55 0.65
CA GLY B 113 14.93 5.67 -0.46
C GLY B 113 13.79 4.69 -0.65
N LEU B 114 14.06 3.58 -1.31
CA LEU B 114 13.05 2.58 -1.53
C LEU B 114 12.99 1.67 -0.31
N ARG B 115 12.19 2.07 0.69
CA ARG B 115 12.05 1.29 1.91
C ARG B 115 10.79 0.42 1.76
N THR B 116 9.64 0.83 2.32
CA THR B 116 8.40 0.05 2.13
C THR B 116 7.93 0.32 0.68
N THR B 117 7.66 -0.73 -0.09
CA THR B 117 7.21 -0.58 -1.45
C THR B 117 6.08 -1.56 -1.77
N VAL B 118 5.58 -1.48 -3.00
CA VAL B 118 4.48 -2.34 -3.41
C VAL B 118 5.00 -3.48 -4.28
N GLN B 119 4.59 -4.71 -4.00
CA GLN B 119 5.00 -5.82 -4.86
C GLN B 119 3.76 -6.21 -5.66
N PRO B 120 3.76 -5.99 -6.98
CA PRO B 120 2.62 -6.32 -7.84
C PRO B 120 2.44 -7.84 -7.93
N GLY B 121 1.28 -8.26 -8.41
CA GLY B 121 1.05 -9.67 -8.61
C GLY B 121 1.85 -10.15 -9.83
N PRO B 122 1.76 -11.45 -10.19
CA PRO B 122 2.46 -12.03 -11.32
C PRO B 122 2.27 -11.35 -12.69
N LEU B 123 1.14 -10.68 -12.89
CA LEU B 123 0.92 -10.03 -14.18
C LEU B 123 2.04 -9.02 -14.49
N ALA B 124 2.68 -8.50 -13.44
CA ALA B 124 3.75 -7.53 -13.62
C ALA B 124 5.03 -8.11 -14.25
N ALA B 125 5.18 -9.43 -14.22
CA ALA B 125 6.35 -10.06 -14.82
C ALA B 125 6.12 -10.35 -16.31
N GLU B 126 4.88 -10.26 -16.78
CA GLU B 126 4.56 -10.52 -18.19
C GLU B 126 4.57 -9.28 -19.08
N LEU B 127 4.49 -9.52 -20.40
CA LEU B 127 4.45 -8.45 -21.41
C LEU B 127 5.48 -7.35 -21.17
N GLU B 128 5.05 -6.15 -20.79
CA GLU B 128 6.04 -5.10 -20.52
C GLU B 128 7.00 -5.49 -19.39
N GLY B 129 6.55 -6.37 -18.50
CA GLY B 129 7.37 -6.78 -17.38
C GLY B 129 8.55 -7.66 -17.73
N GLY B 130 8.53 -8.34 -18.88
CA GLY B 130 9.65 -9.18 -19.30
C GLY B 130 10.87 -8.30 -19.50
N PRO B 131 10.80 -7.34 -20.43
CA PRO B 131 11.89 -6.42 -20.73
C PRO B 131 12.21 -5.53 -19.51
N ARG B 132 11.21 -5.31 -18.64
CA ARG B 132 11.43 -4.47 -17.46
C ARG B 132 10.74 -5.02 -16.21
N PRO B 133 11.31 -6.08 -15.62
CA PRO B 133 10.83 -6.79 -14.42
C PRO B 133 10.53 -6.00 -13.13
N THR B 134 11.14 -4.85 -12.95
CA THR B 134 10.87 -4.08 -11.73
C THR B 134 10.07 -2.81 -12.03
N HIS B 135 9.75 -2.58 -13.30
CA HIS B 135 9.01 -1.37 -13.69
C HIS B 135 7.67 -1.13 -12.98
N PHE B 136 6.80 -2.13 -13.00
CA PHE B 136 5.50 -1.96 -12.39
C PHE B 136 5.51 -1.80 -10.89
N ALA B 137 6.51 -2.37 -10.22
CA ALA B 137 6.59 -2.21 -8.76
C ALA B 137 6.79 -0.70 -8.50
N GLY B 138 7.62 -0.06 -9.33
CA GLY B 138 7.86 1.37 -9.17
C GLY B 138 6.60 2.17 -9.46
N VAL B 139 5.85 1.79 -10.50
CA VAL B 139 4.61 2.46 -10.84
C VAL B 139 3.54 2.33 -9.73
N LEU B 140 3.30 1.12 -9.23
CA LEU B 140 2.27 0.96 -8.21
C LEU B 140 2.65 1.64 -6.90
N THR B 141 3.95 1.62 -6.59
CA THR B 141 4.41 2.26 -5.37
C THR B 141 4.15 3.76 -5.44
N VAL B 142 4.49 4.39 -6.57
CA VAL B 142 4.28 5.82 -6.65
C VAL B 142 2.78 6.16 -6.74
N VAL B 143 2.01 5.34 -7.46
CA VAL B 143 0.60 5.60 -7.57
C VAL B 143 -0.09 5.48 -6.22
N LEU B 144 0.30 4.47 -5.44
CA LEU B 144 -0.28 4.28 -4.12
C LEU B 144 0.04 5.54 -3.30
N LYS B 145 1.29 5.98 -3.34
CA LYS B 145 1.66 7.16 -2.56
C LYS B 145 0.86 8.40 -2.97
N LEU B 146 0.71 8.61 -4.27
CA LEU B 146 -0.03 9.75 -4.78
C LEU B 146 -1.49 9.66 -4.34
N LEU B 147 -2.05 8.45 -4.35
CA LEU B 147 -3.43 8.24 -3.92
C LEU B 147 -3.61 8.58 -2.44
N GLN B 148 -2.62 8.26 -1.61
CA GLN B 148 -2.72 8.55 -0.19
C GLN B 148 -2.49 10.04 0.08
N ILE B 149 -1.65 10.69 -0.72
CA ILE B 149 -1.38 12.12 -0.52
C ILE B 149 -2.61 12.97 -0.91
N VAL B 150 -3.12 12.73 -2.10
CA VAL B 150 -4.25 13.49 -2.63
C VAL B 150 -5.65 12.98 -2.22
N ARG B 151 -5.75 11.68 -1.89
CA ARG B 151 -7.03 11.05 -1.51
C ARG B 151 -8.16 11.48 -2.49
N PRO B 152 -7.96 11.21 -3.79
CA PRO B 152 -9.00 11.60 -4.75
C PRO B 152 -10.21 10.66 -4.82
N ASP B 153 -11.30 11.15 -5.39
CA ASP B 153 -12.49 10.33 -5.58
C ASP B 153 -12.27 9.48 -6.83
N ARG B 154 -11.55 10.02 -7.81
CA ARG B 154 -11.27 9.27 -9.02
C ARG B 154 -9.86 9.56 -9.52
N VAL B 155 -9.25 8.55 -10.14
CA VAL B 155 -7.91 8.69 -10.68
C VAL B 155 -7.98 8.23 -12.14
N PHE B 156 -7.35 9.00 -13.01
CA PHE B 156 -7.39 8.77 -14.45
C PHE B 156 -6.08 8.29 -15.05
N PHE B 157 -6.18 7.26 -15.89
CA PHE B 157 -5.05 6.68 -16.60
C PHE B 157 -5.46 6.41 -18.03
N GLY B 158 -4.48 6.53 -18.95
CA GLY B 158 -4.79 6.27 -20.34
C GLY B 158 -4.79 4.79 -20.64
N GLU B 159 -5.61 4.37 -21.59
CA GLU B 159 -5.67 2.98 -22.01
C GLU B 159 -4.46 2.56 -22.84
N LYS B 160 -3.67 3.52 -23.32
CA LYS B 160 -2.49 3.20 -24.12
C LYS B 160 -1.61 2.22 -23.34
N ASP B 161 -1.39 2.51 -22.08
CA ASP B 161 -0.59 1.64 -21.24
C ASP B 161 -1.59 0.76 -20.51
N TYR B 162 -2.12 -0.17 -21.29
CA TYR B 162 -3.15 -1.04 -20.81
C TYR B 162 -2.78 -1.93 -19.64
N GLN B 163 -1.58 -2.54 -19.70
CA GLN B 163 -1.14 -3.42 -18.63
C GLN B 163 -1.02 -2.62 -17.35
N GLN B 164 -0.48 -1.42 -17.48
CA GLN B 164 -0.39 -0.54 -16.34
C GLN B 164 -1.77 -0.29 -15.72
N LEU B 165 -2.75 0.05 -16.56
CA LEU B 165 -4.11 0.32 -16.11
C LEU B 165 -4.68 -0.89 -15.35
N VAL B 166 -4.48 -2.09 -15.92
CA VAL B 166 -4.97 -3.29 -15.26
C VAL B 166 -4.27 -3.50 -13.94
N LEU B 167 -2.96 -3.25 -13.88
CA LEU B 167 -2.23 -3.41 -12.63
C LEU B 167 -2.69 -2.41 -11.55
N ILE B 168 -3.06 -1.20 -11.97
CA ILE B 168 -3.54 -0.19 -11.03
C ILE B 168 -4.91 -0.64 -10.48
N ARG B 169 -5.73 -1.24 -11.32
CA ARG B 169 -7.02 -1.74 -10.86
C ARG B 169 -6.83 -2.86 -9.83
N GLN B 170 -5.79 -3.67 -9.99
CA GLN B 170 -5.50 -4.74 -9.03
C GLN B 170 -5.03 -4.09 -7.70
N LEU B 171 -4.19 -3.06 -7.83
CA LEU B 171 -3.69 -2.34 -6.65
C LEU B 171 -4.89 -1.85 -5.81
N VAL B 172 -5.79 -1.12 -6.48
CA VAL B 172 -6.96 -0.54 -5.84
C VAL B 172 -7.89 -1.61 -5.21
N ALA B 173 -8.13 -2.71 -5.94
CA ALA B 173 -8.97 -3.77 -5.40
C ALA B 173 -8.28 -4.47 -4.24
N ASP B 174 -7.04 -4.92 -4.47
CA ASP B 174 -6.27 -5.65 -3.46
C ASP B 174 -6.01 -4.90 -2.12
N PHE B 175 -5.90 -3.58 -2.14
CA PHE B 175 -5.66 -2.84 -0.90
C PHE B 175 -6.93 -2.08 -0.43
N ASN B 176 -8.08 -2.40 -1.02
CA ASN B 176 -9.36 -1.77 -0.66
C ASN B 176 -9.31 -0.26 -0.75
N LEU B 177 -8.62 0.27 -1.76
CA LEU B 177 -8.51 1.71 -1.91
C LEU B 177 -9.88 2.32 -2.30
N ASP B 178 -10.24 3.38 -1.61
CA ASP B 178 -11.51 3.99 -1.90
C ASP B 178 -11.38 5.03 -3.00
N VAL B 179 -11.18 4.55 -4.23
CA VAL B 179 -11.05 5.45 -5.36
C VAL B 179 -11.54 4.72 -6.59
N ALA B 180 -12.20 5.44 -7.50
CA ALA B 180 -12.64 4.83 -8.73
C ALA B 180 -11.51 5.03 -9.75
N VAL B 181 -11.19 3.97 -10.49
CA VAL B 181 -10.15 4.07 -11.50
C VAL B 181 -10.79 4.25 -12.88
N VAL B 182 -10.40 5.31 -13.58
CA VAL B 182 -10.98 5.58 -14.90
C VAL B 182 -9.98 5.42 -16.03
N GLY B 183 -10.26 4.52 -16.95
CA GLY B 183 -9.37 4.35 -18.08
C GLY B 183 -9.87 5.27 -19.18
N VAL B 184 -8.99 6.06 -19.78
CA VAL B 184 -9.41 6.98 -20.84
C VAL B 184 -8.91 6.49 -22.20
N PRO B 185 -9.79 6.46 -23.20
CA PRO B 185 -9.40 6.00 -24.54
C PRO B 185 -8.14 6.69 -25.09
N THR B 186 -7.34 5.91 -25.81
CA THR B 186 -6.11 6.41 -26.37
C THR B 186 -6.39 7.55 -27.35
N VAL B 187 -5.62 8.62 -27.21
CA VAL B 187 -5.74 9.74 -28.13
C VAL B 187 -4.78 9.34 -29.26
N ARG B 188 -5.19 9.56 -30.50
CA ARG B 188 -4.36 9.19 -31.63
C ARG B 188 -4.11 10.35 -32.60
N GLU B 189 -3.08 10.20 -33.43
CA GLU B 189 -2.77 11.18 -34.46
C GLU B 189 -3.83 10.91 -35.53
N ALA B 190 -3.91 11.77 -36.53
CA ALA B 190 -4.88 11.62 -37.64
C ALA B 190 -4.76 10.27 -38.37
N ASP B 191 -3.56 9.70 -38.44
CA ASP B 191 -3.45 8.42 -39.14
C ASP B 191 -3.65 7.22 -38.19
N GLY B 192 -3.96 7.49 -36.92
CA GLY B 192 -4.18 6.41 -35.98
C GLY B 192 -3.06 6.14 -34.97
N LEU B 193 -1.85 6.69 -35.18
CA LEU B 193 -0.72 6.44 -34.26
C LEU B 193 -1.03 6.89 -32.83
N ALA B 194 -0.96 5.96 -31.87
CA ALA B 194 -1.24 6.28 -30.47
C ALA B 194 -0.29 7.37 -29.99
N MET B 195 -0.81 8.44 -29.41
CA MET B 195 0.06 9.51 -28.93
C MET B 195 0.97 9.06 -27.78
N SER B 196 2.22 9.49 -27.86
CA SER B 196 3.20 9.10 -26.88
C SER B 196 4.38 10.04 -27.01
N SER B 197 5.02 10.34 -25.90
CA SER B 197 6.19 11.21 -25.91
C SER B 197 7.30 10.52 -26.69
N ARG B 198 7.23 9.20 -26.87
CA ARG B 198 8.26 8.49 -27.61
C ARG B 198 8.19 8.68 -29.12
N ASN B 199 7.05 9.12 -29.61
CA ASN B 199 6.87 9.31 -31.04
C ASN B 199 7.86 10.31 -31.61
N ARG B 200 8.26 11.28 -30.78
CA ARG B 200 9.19 12.30 -31.26
C ARG B 200 10.56 11.73 -31.62
N TYR B 201 10.86 10.54 -31.13
CA TYR B 201 12.13 9.89 -31.42
C TYR B 201 12.14 9.10 -32.72
N LEU B 202 11.00 9.04 -33.40
CA LEU B 202 10.93 8.31 -34.66
C LEU B 202 11.43 9.22 -35.78
N ASP B 203 12.29 8.72 -36.64
CA ASP B 203 12.73 9.54 -37.74
C ASP B 203 11.58 9.52 -38.74
N PRO B 204 11.67 10.31 -39.81
CA PRO B 204 10.59 10.32 -40.79
C PRO B 204 10.10 8.96 -41.32
N ALA B 205 11.00 8.08 -41.73
CA ALA B 205 10.56 6.78 -42.24
C ALA B 205 9.88 5.95 -41.15
N GLN B 206 10.43 6.01 -39.95
CA GLN B 206 9.86 5.26 -38.84
C GLN B 206 8.46 5.77 -38.49
N ARG B 207 8.28 7.08 -38.53
CA ARG B 207 6.98 7.68 -38.23
C ARG B 207 5.93 7.14 -39.19
N ALA B 208 6.29 7.06 -40.46
CA ALA B 208 5.39 6.54 -41.48
C ALA B 208 5.12 5.04 -41.24
N ALA B 209 6.16 4.27 -40.96
CA ALA B 209 5.97 2.86 -40.72
C ALA B 209 5.17 2.57 -39.45
N ALA B 210 5.33 3.41 -38.43
CA ALA B 210 4.65 3.22 -37.14
C ALA B 210 3.11 3.14 -37.23
N VAL B 211 2.54 3.64 -38.33
CA VAL B 211 1.09 3.57 -38.53
C VAL B 211 0.63 2.10 -38.51
N ALA B 212 1.52 1.16 -38.88
CA ALA B 212 1.16 -0.25 -38.87
C ALA B 212 0.58 -0.80 -37.54
N LEU B 213 1.07 -0.33 -36.39
CA LEU B 213 0.56 -0.81 -35.11
C LEU B 213 -0.97 -0.60 -34.95
N SER B 214 -1.45 0.63 -35.12
CA SER B 214 -2.87 0.90 -34.98
C SER B 214 -3.66 0.27 -36.14
N ALA B 215 -3.11 0.30 -37.35
CA ALA B 215 -3.79 -0.30 -38.50
C ALA B 215 -3.97 -1.81 -38.30
N ALA B 216 -2.95 -2.46 -37.75
CA ALA B 216 -3.02 -3.89 -37.50
C ALA B 216 -4.10 -4.20 -36.46
N LEU B 217 -4.17 -3.41 -35.40
CA LEU B 217 -5.15 -3.66 -34.34
C LEU B 217 -6.59 -3.41 -34.81
N THR B 218 -6.80 -2.31 -35.54
CA THR B 218 -8.13 -1.99 -36.05
C THR B 218 -8.55 -3.05 -37.07
N ALA B 219 -7.61 -3.51 -37.91
CA ALA B 219 -7.94 -4.55 -38.88
C ALA B 219 -8.38 -5.81 -38.08
N ALA B 220 -7.65 -6.12 -37.01
CA ALA B 220 -7.96 -7.28 -36.18
C ALA B 220 -9.33 -7.21 -35.53
N ALA B 221 -9.66 -6.04 -34.99
CA ALA B 221 -10.95 -5.85 -34.32
C ALA B 221 -12.13 -6.11 -35.27
N HIS B 222 -12.01 -5.68 -36.51
CA HIS B 222 -13.08 -5.93 -37.49
C HIS B 222 -13.06 -7.34 -38.08
N ALA B 223 -11.87 -7.90 -38.23
CA ALA B 223 -11.75 -9.25 -38.74
C ALA B 223 -12.27 -10.26 -37.70
N ALA B 224 -12.36 -9.81 -36.44
CA ALA B 224 -12.78 -10.66 -35.31
C ALA B 224 -14.12 -11.41 -35.42
N THR B 225 -15.03 -10.94 -36.28
CA THR B 225 -16.32 -11.63 -36.50
C THR B 225 -16.02 -13.02 -37.08
N ALA B 226 -14.86 -13.15 -37.72
CA ALA B 226 -14.52 -14.44 -38.28
C ALA B 226 -13.67 -15.26 -37.28
N GLY B 227 -13.60 -14.82 -36.03
CA GLY B 227 -12.85 -15.55 -35.02
C GLY B 227 -11.46 -15.02 -34.68
N ALA B 228 -10.86 -15.64 -33.68
CA ALA B 228 -9.53 -15.28 -33.19
C ALA B 228 -8.36 -15.51 -34.14
N GLN B 229 -8.33 -16.63 -34.84
CA GLN B 229 -7.22 -16.84 -35.76
C GLN B 229 -7.27 -15.75 -36.83
N ALA B 230 -8.44 -15.50 -37.42
CA ALA B 230 -8.59 -14.46 -38.43
C ALA B 230 -8.13 -13.11 -37.93
N ALA B 231 -8.52 -12.75 -36.71
CA ALA B 231 -8.14 -11.47 -36.12
C ALA B 231 -6.62 -11.37 -36.01
N LEU B 232 -5.99 -12.37 -35.36
CA LEU B 232 -4.53 -12.38 -35.22
C LEU B 232 -3.82 -12.34 -36.57
N ASP B 233 -4.25 -13.18 -37.50
CA ASP B 233 -3.63 -13.22 -38.81
C ASP B 233 -3.76 -11.90 -39.56
N ALA B 234 -4.87 -11.19 -39.41
CA ALA B 234 -5.03 -9.93 -40.10
C ALA B 234 -4.01 -8.93 -39.54
N ALA B 235 -3.89 -8.88 -38.21
CA ALA B 235 -2.95 -7.98 -37.57
C ALA B 235 -1.51 -8.28 -38.04
N ARG B 236 -1.17 -9.56 -38.06
CA ARG B 236 0.17 -9.98 -38.49
C ARG B 236 0.48 -9.58 -39.93
N ALA B 237 -0.48 -9.76 -40.82
CA ALA B 237 -0.32 -9.37 -42.22
C ALA B 237 -0.05 -7.86 -42.30
N VAL B 238 -0.72 -7.06 -41.49
CA VAL B 238 -0.48 -5.63 -41.56
C VAL B 238 0.95 -5.33 -41.07
N LEU B 239 1.34 -5.98 -39.98
CA LEU B 239 2.67 -5.77 -39.43
C LEU B 239 3.73 -6.32 -40.41
N ASP B 240 3.45 -7.44 -41.06
CA ASP B 240 4.41 -7.95 -42.03
C ASP B 240 4.59 -6.97 -43.23
N ALA B 241 3.63 -6.07 -43.46
CA ALA B 241 3.79 -5.16 -44.59
C ALA B 241 4.54 -3.89 -44.21
N ALA B 242 4.99 -3.78 -42.95
CA ALA B 242 5.72 -2.60 -42.53
C ALA B 242 7.23 -2.91 -42.45
N PRO B 243 8.07 -1.97 -42.91
CA PRO B 243 9.52 -2.14 -42.88
C PRO B 243 10.02 -1.55 -41.58
N GLY B 244 11.01 -2.19 -40.97
CA GLY B 244 11.58 -1.69 -39.73
C GLY B 244 10.75 -1.76 -38.45
N VAL B 245 9.76 -2.65 -38.39
CA VAL B 245 8.93 -2.79 -37.21
C VAL B 245 9.16 -4.18 -36.59
N ALA B 246 10.10 -4.27 -35.66
CA ALA B 246 10.44 -5.52 -34.99
C ALA B 246 9.37 -5.75 -33.91
N VAL B 247 8.50 -6.71 -34.14
CA VAL B 247 7.43 -7.00 -33.19
C VAL B 247 7.93 -7.80 -31.99
N ASP B 248 7.75 -7.25 -30.78
CA ASP B 248 8.14 -7.95 -29.56
C ASP B 248 7.05 -8.92 -29.18
N TYR B 249 5.80 -8.49 -29.26
CA TYR B 249 4.67 -9.39 -29.00
C TYR B 249 3.40 -8.84 -29.60
N LEU B 250 2.46 -9.73 -29.82
CA LEU B 250 1.14 -9.42 -30.36
C LEU B 250 0.31 -10.47 -29.63
N GLU B 251 -0.40 -10.04 -28.60
CA GLU B 251 -1.16 -10.99 -27.77
C GLU B 251 -2.61 -10.69 -27.57
N LEU B 252 -3.42 -11.73 -27.64
CA LEU B 252 -4.85 -11.60 -27.40
C LEU B 252 -5.08 -12.07 -25.95
N ARG B 253 -5.75 -11.27 -25.13
CA ARG B 253 -6.01 -11.64 -23.73
C ARG B 253 -7.41 -11.19 -23.31
N ASP B 254 -7.90 -11.63 -22.14
CA ASP B 254 -9.21 -11.11 -21.72
C ASP B 254 -8.95 -9.71 -21.17
N ILE B 255 -10.00 -8.97 -20.83
CA ILE B 255 -9.81 -7.60 -20.37
C ILE B 255 -8.97 -7.41 -19.12
N GLY B 256 -8.75 -8.48 -18.38
CA GLY B 256 -7.92 -8.40 -17.18
C GLY B 256 -6.53 -8.96 -17.48
N LEU B 257 -6.29 -9.26 -18.76
CA LEU B 257 -5.03 -9.78 -19.27
C LEU B 257 -4.73 -11.25 -18.93
N GLY B 258 -5.77 -11.98 -18.54
CA GLY B 258 -5.60 -13.39 -18.29
C GLY B 258 -5.82 -14.01 -19.66
N PRO B 259 -5.94 -15.35 -19.73
CA PRO B 259 -6.15 -16.07 -20.99
C PRO B 259 -7.41 -15.59 -21.68
N MET B 260 -7.34 -15.46 -22.99
CA MET B 260 -8.46 -15.01 -23.80
C MET B 260 -9.50 -16.12 -23.86
N PRO B 261 -10.76 -15.83 -23.51
CA PRO B 261 -11.82 -16.83 -23.54
C PRO B 261 -12.11 -17.30 -24.97
N LEU B 262 -12.73 -18.47 -25.10
CA LEU B 262 -13.05 -19.02 -26.40
C LEU B 262 -13.83 -18.00 -27.25
N ASN B 263 -14.54 -17.12 -26.55
CA ASN B 263 -15.32 -16.05 -27.18
C ASN B 263 -15.58 -14.97 -26.14
N GLY B 264 -16.24 -13.89 -26.53
CA GLY B 264 -16.50 -12.82 -25.58
C GLY B 264 -15.55 -11.66 -25.81
N SER B 265 -15.37 -10.82 -24.79
CA SER B 265 -14.50 -9.65 -24.85
C SER B 265 -13.05 -9.93 -24.52
N GLY B 266 -12.17 -9.12 -25.09
CA GLY B 266 -10.76 -9.29 -24.86
C GLY B 266 -10.03 -8.02 -25.28
N ARG B 267 -8.72 -8.09 -25.22
CA ARG B 267 -7.91 -6.96 -25.60
C ARG B 267 -6.76 -7.55 -26.43
N LEU B 268 -6.40 -6.88 -27.52
CA LEU B 268 -5.30 -7.30 -28.36
C LEU B 268 -4.21 -6.26 -28.12
N LEU B 269 -3.04 -6.73 -27.71
CA LEU B 269 -1.93 -5.82 -27.42
C LEU B 269 -0.73 -6.12 -28.30
N VAL B 270 -0.03 -5.04 -28.67
CA VAL B 270 1.16 -5.16 -29.50
C VAL B 270 2.23 -4.22 -28.96
N ALA B 271 3.48 -4.63 -29.15
CA ALA B 271 4.65 -3.87 -28.75
C ALA B 271 5.67 -4.15 -29.85
N ALA B 272 6.29 -3.10 -30.35
CA ALA B 272 7.25 -3.22 -31.43
C ALA B 272 8.38 -2.23 -31.23
N ARG B 273 9.54 -2.51 -31.84
CA ARG B 273 10.66 -1.61 -31.72
C ARG B 273 10.98 -1.06 -33.08
N LEU B 274 11.00 0.27 -33.23
CA LEU B 274 11.39 0.88 -34.50
C LEU B 274 12.75 1.53 -34.16
N GLY B 275 13.83 0.92 -34.65
CA GLY B 275 15.17 1.42 -34.34
C GLY B 275 15.31 1.14 -32.84
N THR B 276 15.62 2.14 -32.01
CA THR B 276 15.67 1.86 -30.58
C THR B 276 14.40 2.33 -29.89
N THR B 277 13.44 2.83 -30.66
CA THR B 277 12.21 3.31 -30.05
C THR B 277 11.15 2.20 -29.95
N ARG B 278 10.73 1.92 -28.73
CA ARG B 278 9.73 0.89 -28.44
C ARG B 278 8.35 1.54 -28.41
N LEU B 279 7.41 1.02 -29.20
CA LEU B 279 6.03 1.56 -29.23
C LEU B 279 5.04 0.50 -28.78
N LEU B 280 3.96 0.95 -28.15
CA LEU B 280 2.90 0.06 -27.67
C LEU B 280 1.52 0.55 -28.15
N ASP B 281 0.57 -0.38 -28.23
CA ASP B 281 -0.80 -0.03 -28.61
C ASP B 281 -1.62 -1.23 -28.25
N ASN B 282 -2.92 -1.06 -28.11
CA ASN B 282 -3.80 -2.15 -27.78
C ASN B 282 -5.22 -1.71 -28.14
N ILE B 283 -6.13 -2.65 -28.30
CA ILE B 283 -7.47 -2.27 -28.67
C ILE B 283 -8.47 -3.29 -28.11
N ALA B 284 -9.70 -2.84 -27.85
CA ALA B 284 -10.72 -3.76 -27.37
C ALA B 284 -11.05 -4.69 -28.55
N ILE B 285 -11.27 -5.96 -28.26
CA ILE B 285 -11.61 -6.97 -29.27
C ILE B 285 -12.87 -7.74 -28.82
N GLU B 286 -13.74 -8.10 -29.78
CA GLU B 286 -14.93 -8.89 -29.46
C GLU B 286 -14.92 -10.13 -30.35
N ILE B 287 -14.83 -11.32 -29.76
CA ILE B 287 -14.75 -12.52 -30.60
C ILE B 287 -16.04 -13.10 -31.16
N GLY B 288 -16.02 -13.30 -32.48
CA GLY B 288 -17.16 -13.88 -33.19
C GLY B 288 -18.25 -12.87 -33.45
S SO4 C . -0.15 -11.65 21.90
O1 SO4 C . -1.10 -12.61 22.47
O2 SO4 C . -0.58 -11.23 20.54
O3 SO4 C . -0.06 -10.45 22.75
O4 SO4 C . 1.19 -12.27 21.83
N BAL D . -2.30 -6.95 13.81
CB BAL D . -1.85 -8.28 13.42
CA BAL D . -2.25 -8.60 11.97
C BAL D . -3.76 -8.43 11.71
O BAL D . -4.40 -9.32 11.15
OXT BAL D . -4.33 -7.40 12.05
S SO4 E . 3.74 8.88 -22.70
O1 SO4 E . 2.94 7.98 -23.56
O2 SO4 E . 3.59 10.26 -23.19
O3 SO4 E . 3.27 8.80 -21.30
O4 SO4 E . 5.16 8.49 -22.75
N BAL F . 4.38 7.27 -12.59
CB BAL F . 2.93 7.38 -12.50
CA BAL F . 2.28 6.36 -13.40
C BAL F . 2.71 6.55 -14.83
O BAL F . 3.55 5.80 -15.35
OXT BAL F . 2.23 7.46 -15.53
#